data_7EOV
#
_entry.id   7EOV
#
_cell.length_a   94.564
_cell.length_b   94.564
_cell.length_c   244.555
_cell.angle_alpha   90.00
_cell.angle_beta   90.00
_cell.angle_gamma   90.00
#
_symmetry.space_group_name_H-M   'I 41 2 2'
#
loop_
_entity.id
_entity.type
_entity.pdbx_description
1 polymer 'cytosolic sulfotransferase SULT2A8'
2 non-polymer "ADENOSINE-3'-5'-DIPHOSPHATE"
3 non-polymer 'CHOLIC ACID'
#
_entity_poly.entity_id   1
_entity_poly.type   'polypeptide(L)'
_entity_poly.pdbx_seq_one_letter_code
;MGSSHHHHHHSSGLVPRGSHMTDEFLWIEGIPFPTVYYSQEIIREVRDRFVVRDEDTIIVTYPKSGTHWLNEIVCLILTK
GDPTWVQSTIANERTPWIEFENNYRILNSKEGPRLMASLLPIQLFPKSFFSSKAKVIYLIRNPRDVLVSGYHYFNALKQG
KEQVPWKIYFENFLQGKSYFGSWFEHACGWISLRKRENILVLSYEQLKKDTRNTIKKICEFLGENLESGELELVLKNISF
QIMKERMISQSCLSNIEKHEFIMRKGITGDWKNHFTVAQAEAFDKAFQEKAADFPQELFSWE
;
_entity_poly.pdbx_strand_id   A
#
loop_
_chem_comp.id
_chem_comp.type
_chem_comp.name
_chem_comp.formula
A3P RNA linking ADENOSINE-3'-5'-DIPHOSPHATE 'C10 H15 N5 O10 P2'
CHD non-polymer 'CHOLIC ACID' 'C24 H40 O5'
#
# COMPACT_ATOMS: atom_id res chain seq x y z
N ASP A 23 -24.56 -5.23 2.21
CA ASP A 23 -23.72 -4.66 1.16
C ASP A 23 -22.24 -4.89 1.45
N GLU A 24 -21.56 -5.56 0.54
CA GLU A 24 -20.14 -5.83 0.72
C GLU A 24 -19.32 -4.55 0.63
N PHE A 25 -19.62 -3.69 -0.33
CA PHE A 25 -18.84 -2.51 -0.60
C PHE A 25 -19.70 -1.25 -0.57
N LEU A 26 -19.01 -0.11 -0.63
CA LEU A 26 -19.62 1.19 -0.86
C LEU A 26 -19.08 1.70 -2.18
N TRP A 27 -19.95 1.93 -3.15
CA TRP A 27 -19.52 2.25 -4.50
C TRP A 27 -19.38 3.76 -4.64
N ILE A 28 -18.15 4.22 -4.83
CA ILE A 28 -17.83 5.63 -5.02
C ILE A 28 -17.08 5.76 -6.33
N GLU A 29 -17.63 6.54 -7.26
CA GLU A 29 -17.00 6.78 -8.55
C GLU A 29 -16.65 5.47 -9.25
N GLY A 30 -17.60 4.54 -9.24
CA GLY A 30 -17.40 3.27 -9.88
C GLY A 30 -16.34 2.40 -9.23
N ILE A 31 -15.92 2.71 -8.03
CA ILE A 31 -14.87 1.97 -7.31
C ILE A 31 -15.47 1.45 -6.03
N PRO A 32 -15.25 0.17 -5.69
CA PRO A 32 -15.74 -0.35 -4.40
C PRO A 32 -14.78 0.02 -3.28
N PHE A 33 -15.33 0.59 -2.21
CA PHE A 33 -14.63 1.02 -1.02
C PHE A 33 -15.15 0.22 0.17
N PRO A 34 -14.38 0.15 1.26
CA PRO A 34 -14.94 -0.39 2.50
C PRO A 34 -16.14 0.42 2.96
N THR A 35 -17.05 -0.24 3.67
CA THR A 35 -18.29 0.41 4.09
C THR A 35 -18.01 1.56 5.06
N VAL A 36 -17.21 1.31 6.05
CA VAL A 36 -16.85 2.31 7.05
C VAL A 36 -15.57 3.00 6.59
N TYR A 37 -15.39 4.25 7.04
CA TYR A 37 -14.21 5.10 6.89
C TYR A 37 -14.23 5.94 5.61
N TYR A 38 -15.17 5.71 4.69
CA TYR A 38 -15.15 6.41 3.41
C TYR A 38 -16.54 6.90 3.04
N SER A 39 -16.56 8.01 2.35
CA SER A 39 -17.77 8.62 1.83
C SER A 39 -17.51 9.27 0.49
N GLN A 40 -18.53 9.31 -0.32
CA GLN A 40 -18.44 9.84 -1.63
C GLN A 40 -18.09 11.27 -1.65
N GLU A 41 -18.66 12.03 -0.76
CA GLU A 41 -18.38 13.40 -0.70
C GLU A 41 -16.93 13.63 -0.42
N ILE A 42 -16.38 12.92 0.51
CA ILE A 42 -15.01 13.07 0.81
C ILE A 42 -14.13 12.67 -0.33
N ILE A 43 -14.48 11.60 -1.01
CA ILE A 43 -13.68 11.19 -2.11
C ILE A 43 -13.67 12.21 -3.18
N ARG A 44 -14.82 12.76 -3.48
CA ARG A 44 -14.90 13.76 -4.48
C ARG A 44 -14.12 14.95 -4.11
N GLU A 45 -14.21 15.38 -2.88
CA GLU A 45 -13.47 16.52 -2.48
C GLU A 45 -12.02 16.32 -2.59
N VAL A 46 -11.54 15.17 -2.19
CA VAL A 46 -10.15 14.90 -2.29
C VAL A 46 -9.68 14.90 -3.72
N ARG A 47 -10.46 14.35 -4.61
CA ARG A 47 -10.06 14.36 -5.98
C ARG A 47 -10.08 15.71 -6.61
N ASP A 48 -11.10 16.48 -6.32
CA ASP A 48 -11.22 17.73 -7.02
C ASP A 48 -10.71 19.00 -6.41
N ARG A 49 -10.49 18.97 -5.13
CA ARG A 49 -10.20 20.21 -4.40
C ARG A 49 -9.02 20.14 -3.45
N PHE A 50 -8.61 18.96 -2.97
CA PHE A 50 -7.45 18.89 -2.09
C PHE A 50 -6.19 19.26 -2.86
N VAL A 51 -5.39 20.17 -2.30
CA VAL A 51 -4.18 20.67 -2.95
C VAL A 51 -2.99 19.84 -2.47
N VAL A 52 -2.23 19.30 -3.41
CA VAL A 52 -0.99 18.61 -3.10
C VAL A 52 0.15 19.58 -3.35
N ARG A 53 0.90 19.90 -2.31
CA ARG A 53 1.85 20.99 -2.38
C ARG A 53 3.21 20.44 -2.83
N ASP A 54 3.94 21.27 -3.57
CA ASP A 54 5.15 20.81 -4.25
C ASP A 54 6.08 20.06 -3.32
N GLU A 55 6.07 20.36 -2.02
CA GLU A 55 7.09 19.81 -1.14
C GLU A 55 6.59 18.56 -0.44
N ASP A 56 5.34 18.19 -0.69
CA ASP A 56 4.72 17.01 -0.10
C ASP A 56 5.35 15.74 -0.67
N THR A 57 5.16 14.66 0.08
CA THR A 57 5.68 13.34 -0.23
C THR A 57 4.71 12.28 0.27
N ILE A 58 4.26 11.42 -0.64
CA ILE A 58 3.08 10.59 -0.44
C ILE A 58 3.44 9.13 -0.75
N ILE A 59 3.01 8.22 0.12
CA ILE A 59 3.19 6.79 -0.09
C ILE A 59 1.88 6.22 -0.61
N VAL A 60 1.91 5.65 -1.82
CA VAL A 60 0.70 5.15 -2.48
C VAL A 60 0.87 3.65 -2.73
N THR A 61 -0.07 2.86 -2.23
CA THR A 61 0.01 1.42 -2.39
C THR A 61 -1.38 0.86 -2.71
N TYR A 62 -1.39 -0.42 -3.06
CA TYR A 62 -2.61 -1.22 -3.08
C TYR A 62 -2.67 -2.09 -1.82
N PRO A 63 -3.84 -2.28 -1.23
CA PRO A 63 -3.92 -3.02 0.04
C PRO A 63 -3.23 -4.38 -0.06
N LYS A 64 -2.63 -4.78 1.06
CA LYS A 64 -1.92 -6.06 1.23
C LYS A 64 -0.68 -6.17 0.34
N SER A 65 -0.13 -5.03 -0.09
CA SER A 65 1.13 -5.03 -0.84
C SER A 65 2.34 -4.84 0.06
N GLY A 66 2.13 -4.68 1.37
CA GLY A 66 3.22 -4.36 2.28
C GLY A 66 3.22 -2.89 2.65
N THR A 67 2.03 -2.32 2.85
CA THR A 67 1.93 -0.89 3.13
C THR A 67 2.53 -0.54 4.48
N HIS A 68 2.16 -1.29 5.53
CA HIS A 68 2.74 -1.05 6.84
C HIS A 68 4.26 -1.20 6.80
N TRP A 69 4.75 -2.21 6.08
CA TRP A 69 6.18 -2.40 5.96
C TRP A 69 6.86 -1.16 5.40
N LEU A 70 6.39 -0.69 4.24
CA LEU A 70 7.02 0.47 3.61
C LEU A 70 6.88 1.72 4.48
N ASN A 71 5.74 1.85 5.14
CA ASN A 71 5.53 2.98 6.05
C ASN A 71 6.61 2.99 7.13
N GLU A 72 6.83 1.86 7.70
CA GLU A 72 7.82 1.71 8.68
C GLU A 72 9.22 1.94 8.10
N ILE A 73 9.50 1.45 6.92
CA ILE A 73 10.76 1.71 6.22
C ILE A 73 11.04 3.21 6.22
N VAL A 74 10.08 3.98 5.70
CA VAL A 74 10.27 5.41 5.54
C VAL A 74 10.43 6.07 6.91
N CYS A 75 9.53 5.77 7.85
CA CYS A 75 9.60 6.39 9.16
C CYS A 75 10.87 6.04 9.92
N LEU A 76 11.46 4.87 9.65
CA LEU A 76 12.73 4.53 10.29
C LEU A 76 13.89 5.20 9.59
N ILE A 77 13.76 5.46 8.29
CA ILE A 77 14.76 6.26 7.59
C ILE A 77 14.81 7.67 8.16
N LEU A 78 13.63 8.28 8.32
CA LEU A 78 13.56 9.65 8.85
C LEU A 78 14.13 9.73 10.26
N THR A 79 13.77 8.75 11.11
CA THR A 79 14.30 8.70 12.47
C THR A 79 15.67 8.05 12.54
N LYS A 80 16.24 7.66 11.39
CA LYS A 80 17.60 7.11 11.32
C LYS A 80 17.74 5.86 12.17
N GLY A 81 16.70 5.02 12.17
CA GLY A 81 16.73 3.73 12.82
C GLY A 81 16.11 3.69 14.21
N ASP A 82 15.87 4.83 14.84
CA ASP A 82 15.29 4.83 16.17
C ASP A 82 13.84 4.36 16.14
N PRO A 83 13.53 3.16 16.64
CA PRO A 83 12.15 2.66 16.52
C PRO A 83 11.12 3.44 17.35
N THR A 84 11.56 4.29 18.30
CA THR A 84 10.65 4.90 19.27
C THR A 84 9.39 5.47 18.63
N TRP A 85 9.53 6.15 17.49
CA TRP A 85 8.37 6.74 16.83
C TRP A 85 7.38 5.67 16.37
N VAL A 86 7.87 4.67 15.63
CA VAL A 86 6.94 3.66 15.10
C VAL A 86 6.44 2.74 16.21
N GLN A 87 7.18 2.61 17.31
CA GLN A 87 6.65 1.88 18.45
C GLN A 87 5.52 2.64 19.12
N SER A 88 5.65 3.96 19.22
CA SER A 88 4.66 4.74 19.96
C SER A 88 3.44 5.10 19.11
N THR A 89 3.53 4.99 17.78
CA THR A 89 2.49 5.48 16.90
C THR A 89 2.04 4.40 15.94
N ILE A 90 0.87 4.62 15.35
CA ILE A 90 0.35 3.76 14.30
C ILE A 90 0.49 4.47 12.96
N ALA A 91 0.35 3.69 11.89
CA ALA A 91 0.69 4.18 10.55
C ALA A 91 -0.10 5.43 10.17
N ASN A 92 -1.39 5.48 10.55
CA ASN A 92 -2.21 6.63 10.17
C ASN A 92 -1.82 7.90 10.92
N GLU A 93 -1.19 7.78 12.09
CA GLU A 93 -0.70 8.96 12.79
C GLU A 93 0.55 9.52 12.15
N ARG A 94 1.42 8.68 11.60
CA ARG A 94 2.64 9.16 10.99
C ARG A 94 2.38 9.74 9.60
N THR A 95 1.84 8.92 8.71
CA THR A 95 1.50 9.33 7.34
C THR A 95 -0.01 9.20 7.17
N PRO A 96 -0.77 10.25 7.48
CA PRO A 96 -2.23 10.15 7.39
C PRO A 96 -2.68 9.89 5.96
N TRP A 97 -3.60 8.93 5.81
CA TRP A 97 -4.18 8.63 4.52
C TRP A 97 -5.13 9.74 4.09
N ILE A 98 -4.89 10.29 2.90
CA ILE A 98 -5.62 11.47 2.44
C ILE A 98 -7.11 11.18 2.38
N GLU A 99 -7.49 10.10 1.70
CA GLU A 99 -8.89 9.75 1.50
C GLU A 99 -9.55 9.23 2.77
N PHE A 100 -8.78 8.95 3.81
CA PHE A 100 -9.29 8.25 4.98
C PHE A 100 -10.03 9.23 5.88
N GLU A 101 -11.33 9.00 6.06
CA GLU A 101 -12.12 9.72 7.05
C GLU A 101 -12.12 11.21 6.68
N ASN A 102 -11.93 12.10 7.64
CA ASN A 102 -11.82 13.53 7.40
C ASN A 102 -10.39 14.01 7.54
N ASN A 103 -9.43 13.16 7.11
CA ASN A 103 -8.03 13.52 7.19
C ASN A 103 -7.69 14.72 6.34
N TYR A 104 -8.46 14.97 5.28
CA TYR A 104 -8.14 16.07 4.38
C TYR A 104 -8.28 17.41 5.09
N ARG A 105 -9.25 17.54 6.00
CA ARG A 105 -9.33 18.76 6.80
C ARG A 105 -8.04 19.00 7.57
N ILE A 106 -7.51 17.95 8.19
CA ILE A 106 -6.29 18.06 8.97
C ILE A 106 -5.12 18.44 8.08
N LEU A 107 -4.97 17.76 6.96
CA LEU A 107 -3.82 18.01 6.10
C LEU A 107 -3.90 19.36 5.42
N ASN A 108 -5.12 19.86 5.16
CA ASN A 108 -5.27 21.21 4.65
C ASN A 108 -4.91 22.23 5.72
N SER A 109 -5.35 22.00 6.96
CA SER A 109 -5.06 22.89 8.07
C SER A 109 -3.75 22.47 8.75
N LYS A 110 -2.70 22.40 7.94
CA LYS A 110 -1.36 22.07 8.42
C LYS A 110 -0.34 22.60 7.42
N GLU A 111 0.73 23.21 7.94
CA GLU A 111 1.71 23.89 7.12
C GLU A 111 3.03 23.12 7.08
N GLY A 112 3.84 23.46 6.09
CA GLY A 112 5.16 22.89 5.94
C GLY A 112 5.18 21.70 5.00
N PRO A 113 6.22 20.90 5.09
CA PRO A 113 6.28 19.68 4.28
C PRO A 113 5.51 18.55 4.94
N ARG A 114 4.61 17.93 4.19
CA ARG A 114 3.66 16.97 4.75
C ARG A 114 4.00 15.57 4.28
N LEU A 115 3.84 14.61 5.18
CA LEU A 115 4.07 13.20 4.88
C LEU A 115 2.72 12.50 4.90
N MET A 116 2.27 12.04 3.73
CA MET A 116 0.92 11.53 3.53
C MET A 116 0.96 10.15 2.91
N ALA A 117 -0.20 9.51 2.83
CA ALA A 117 -0.30 8.18 2.25
C ALA A 117 -1.64 8.07 1.54
N SER A 118 -1.77 7.02 0.71
CA SER A 118 -2.98 6.90 -0.08
C SER A 118 -3.14 5.48 -0.60
N LEU A 119 -4.38 5.14 -0.93
CA LEU A 119 -4.72 3.86 -1.54
C LEU A 119 -5.52 4.02 -2.84
N LEU A 120 -5.69 5.26 -3.34
CA LEU A 120 -6.59 5.38 -4.48
C LEU A 120 -5.85 5.13 -5.79
N PRO A 121 -6.55 4.68 -6.82
CA PRO A 121 -5.98 4.71 -8.18
C PRO A 121 -5.92 6.14 -8.69
N ILE A 122 -5.17 6.33 -9.79
CA ILE A 122 -4.85 7.67 -10.25
C ILE A 122 -6.10 8.46 -10.61
N GLN A 123 -7.15 7.78 -11.09
CA GLN A 123 -8.37 8.51 -11.47
C GLN A 123 -9.07 9.13 -10.26
N LEU A 124 -8.65 8.79 -9.05
CA LEU A 124 -9.21 9.38 -7.84
C LEU A 124 -8.18 10.11 -6.99
N PHE A 125 -6.90 9.99 -7.31
CA PHE A 125 -5.88 10.79 -6.62
C PHE A 125 -6.14 12.27 -6.85
N PRO A 126 -5.77 13.13 -5.88
CA PRO A 126 -5.95 14.58 -6.06
C PRO A 126 -5.35 15.09 -7.36
N LYS A 127 -6.19 15.74 -8.17
CA LYS A 127 -5.74 16.23 -9.47
C LYS A 127 -4.57 17.19 -9.35
N SER A 128 -4.51 17.94 -8.25
CA SER A 128 -3.45 18.93 -8.08
C SER A 128 -2.07 18.28 -8.15
N PHE A 129 -1.94 17.02 -7.72
CA PHE A 129 -0.64 16.37 -7.76
C PHE A 129 -0.09 16.31 -9.17
N PHE A 130 -0.95 16.24 -10.18
CA PHE A 130 -0.47 16.17 -11.56
C PHE A 130 0.08 17.50 -12.06
N SER A 131 0.23 18.51 -11.21
CA SER A 131 0.84 19.78 -11.58
C SER A 131 1.79 20.25 -10.50
N SER A 132 2.59 19.33 -9.97
CA SER A 132 3.46 19.63 -8.84
C SER A 132 4.65 18.69 -8.87
N LYS A 133 5.68 19.06 -8.09
CA LYS A 133 6.86 18.23 -7.92
C LYS A 133 6.78 17.40 -6.64
N ALA A 134 5.57 17.09 -6.19
CA ALA A 134 5.41 16.27 -5.00
C ALA A 134 5.93 14.85 -5.25
N LYS A 135 6.64 14.31 -4.27
CA LYS A 135 7.29 13.02 -4.40
C LYS A 135 6.29 11.90 -4.03
N VAL A 136 6.24 10.85 -4.85
CA VAL A 136 5.33 9.74 -4.61
C VAL A 136 6.10 8.43 -4.75
N ILE A 137 5.96 7.57 -3.75
CA ILE A 137 6.51 6.22 -3.75
C ILE A 137 5.34 5.27 -3.97
N TYR A 138 5.38 4.50 -5.05
CA TYR A 138 4.34 3.52 -5.33
C TYR A 138 4.87 2.12 -5.07
N LEU A 139 4.23 1.42 -4.14
CA LEU A 139 4.59 0.05 -3.80
C LEU A 139 3.70 -0.93 -4.55
N ILE A 140 4.31 -1.87 -5.25
CA ILE A 140 3.58 -2.91 -5.95
C ILE A 140 4.05 -4.26 -5.42
N ARG A 141 3.19 -5.26 -5.58
CA ARG A 141 3.50 -6.62 -5.15
C ARG A 141 2.94 -7.58 -6.19
N ASN A 142 3.48 -8.79 -6.20
CA ASN A 142 2.94 -9.84 -7.04
C ASN A 142 1.45 -9.98 -6.76
N PRO A 143 0.57 -9.69 -7.71
CA PRO A 143 -0.87 -9.66 -7.39
C PRO A 143 -1.39 -10.97 -6.81
N ARG A 144 -0.72 -12.08 -7.06
CA ARG A 144 -1.14 -13.36 -6.50
C ARG A 144 -0.90 -13.41 -4.99
N ASP A 145 0.28 -12.95 -4.56
CA ASP A 145 0.55 -12.83 -3.13
C ASP A 145 -0.34 -11.77 -2.48
N VAL A 146 -0.69 -10.73 -3.24
CA VAL A 146 -1.66 -9.73 -2.77
C VAL A 146 -3.01 -10.39 -2.50
N LEU A 147 -3.48 -11.18 -3.47
CA LEU A 147 -4.72 -11.93 -3.31
C LEU A 147 -4.66 -12.80 -2.05
N VAL A 148 -3.56 -13.53 -1.87
CA VAL A 148 -3.48 -14.46 -0.74
C VAL A 148 -3.50 -13.72 0.58
N SER A 149 -2.73 -12.63 0.67
CA SER A 149 -2.68 -11.83 1.89
C SER A 149 -4.04 -11.22 2.20
N GLY A 150 -4.73 -10.71 1.18
CA GLY A 150 -6.06 -10.18 1.39
C GLY A 150 -7.04 -11.25 1.87
N TYR A 151 -7.02 -12.42 1.22
CA TYR A 151 -7.90 -13.51 1.63
C TYR A 151 -7.72 -13.82 3.11
N HIS A 152 -6.47 -14.04 3.52
CA HIS A 152 -6.21 -14.39 4.91
C HIS A 152 -6.61 -13.26 5.86
N TYR A 153 -6.33 -12.00 5.47
CA TYR A 153 -6.59 -10.90 6.39
C TYR A 153 -8.07 -10.60 6.53
N PHE A 154 -8.82 -10.64 5.43
CA PHE A 154 -10.24 -10.32 5.50
C PHE A 154 -11.04 -11.47 6.12
N ASN A 155 -10.55 -12.71 5.98
CA ASN A 155 -11.17 -13.78 6.75
C ASN A 155 -10.62 -13.87 8.17
N ALA A 156 -9.61 -13.07 8.51
CA ALA A 156 -8.79 -13.35 9.69
C ALA A 156 -9.62 -13.35 10.96
N LEU A 157 -10.58 -12.43 11.09
CA LEU A 157 -11.31 -12.31 12.34
C LEU A 157 -12.82 -12.25 12.12
N LYS A 158 -13.30 -12.81 11.01
CA LYS A 158 -14.73 -13.00 10.83
C LYS A 158 -15.15 -14.37 11.36
N GLN A 159 -16.44 -14.51 11.63
CA GLN A 159 -16.97 -15.75 12.16
C GLN A 159 -17.08 -16.81 11.07
N GLY A 160 -16.83 -18.06 11.45
CA GLY A 160 -16.72 -19.17 10.52
C GLY A 160 -17.79 -19.25 9.45
N LYS A 161 -19.05 -18.98 9.82
CA LYS A 161 -20.12 -19.05 8.83
C LYS A 161 -20.07 -17.89 7.84
N GLU A 162 -19.59 -16.73 8.29
CA GLU A 162 -19.56 -15.52 7.48
C GLU A 162 -18.26 -15.35 6.70
N GLN A 163 -17.37 -16.33 6.76
CA GLN A 163 -16.10 -16.20 6.05
C GLN A 163 -16.29 -16.51 4.57
N VAL A 164 -15.24 -16.24 3.80
CA VAL A 164 -15.29 -16.29 2.34
C VAL A 164 -14.43 -17.45 1.87
N PRO A 165 -15.01 -18.47 1.24
CA PRO A 165 -14.19 -19.57 0.71
C PRO A 165 -13.17 -19.08 -0.29
N TRP A 166 -12.05 -19.82 -0.37
CA TRP A 166 -10.88 -19.40 -1.11
C TRP A 166 -11.21 -19.07 -2.56
N LYS A 167 -11.85 -20.00 -3.25
CA LYS A 167 -11.98 -19.90 -4.70
C LYS A 167 -13.00 -18.85 -5.11
N ILE A 168 -13.96 -18.52 -4.25
CA ILE A 168 -14.84 -17.41 -4.59
C ILE A 168 -14.17 -16.06 -4.32
N TYR A 169 -13.31 -15.95 -3.30
CA TYR A 169 -12.48 -14.77 -3.15
C TYR A 169 -11.54 -14.60 -4.35
N PHE A 170 -10.97 -15.70 -4.82
CA PHE A 170 -10.12 -15.69 -6.00
C PHE A 170 -10.87 -15.14 -7.21
N GLU A 171 -12.08 -15.65 -7.44
CA GLU A 171 -12.89 -15.16 -8.56
C GLU A 171 -13.23 -13.68 -8.40
N ASN A 172 -13.56 -13.24 -7.19
CA ASN A 172 -13.88 -11.84 -6.99
C ASN A 172 -12.67 -10.95 -7.27
N PHE A 173 -11.48 -11.39 -6.87
CA PHE A 173 -10.27 -10.65 -7.15
C PHE A 173 -10.05 -10.51 -8.65
N LEU A 174 -10.23 -11.61 -9.39
CA LEU A 174 -10.03 -11.55 -10.83
C LEU A 174 -11.05 -10.69 -11.55
N GLN A 175 -12.23 -10.50 -10.97
CA GLN A 175 -13.24 -9.65 -11.59
C GLN A 175 -13.27 -8.24 -11.01
N GLY A 176 -12.28 -7.87 -10.20
CA GLY A 176 -12.22 -6.53 -9.67
C GLY A 176 -13.17 -6.23 -8.54
N LYS A 177 -13.87 -7.23 -8.02
CA LYS A 177 -14.78 -7.04 -6.89
C LYS A 177 -13.97 -7.02 -5.58
N SER A 178 -13.00 -6.13 -5.53
CA SER A 178 -12.08 -6.03 -4.41
C SER A 178 -11.96 -4.57 -4.00
N TYR A 179 -11.56 -4.36 -2.74
CA TYR A 179 -11.46 -3.02 -2.17
C TYR A 179 -10.57 -2.12 -3.02
N PHE A 180 -11.08 -0.93 -3.33
CA PHE A 180 -10.40 0.06 -4.17
C PHE A 180 -10.25 -0.42 -5.61
N GLY A 181 -11.16 -1.30 -6.04
CA GLY A 181 -11.27 -1.63 -7.44
C GLY A 181 -10.28 -2.68 -7.90
N SER A 182 -10.19 -2.81 -9.22
CA SER A 182 -9.30 -3.79 -9.82
C SER A 182 -7.85 -3.48 -9.47
N TRP A 183 -7.14 -4.50 -8.98
CA TRP A 183 -5.69 -4.38 -8.83
C TRP A 183 -5.05 -4.07 -10.17
N PHE A 184 -5.56 -4.64 -11.25
CA PHE A 184 -4.95 -4.42 -12.57
C PHE A 184 -5.04 -2.96 -12.98
N GLU A 185 -6.23 -2.36 -12.88
CA GLU A 185 -6.38 -0.97 -13.24
C GLU A 185 -5.53 -0.07 -12.34
N HIS A 186 -5.60 -0.32 -11.03
CA HIS A 186 -4.81 0.44 -10.05
C HIS A 186 -3.33 0.43 -10.41
N ALA A 187 -2.77 -0.77 -10.56
CA ALA A 187 -1.34 -0.90 -10.81
C ALA A 187 -0.95 -0.31 -12.15
N CYS A 188 -1.72 -0.62 -13.21
CA CYS A 188 -1.40 -0.10 -14.53
C CYS A 188 -1.41 1.41 -14.54
N GLY A 189 -2.49 2.02 -14.03
CA GLY A 189 -2.57 3.46 -14.01
C GLY A 189 -1.46 4.10 -13.20
N TRP A 190 -1.04 3.47 -12.11
CA TRP A 190 -0.02 4.11 -11.29
C TRP A 190 1.38 3.95 -11.90
N ILE A 191 1.71 2.78 -12.46
CA ILE A 191 3.05 2.61 -12.99
C ILE A 191 3.19 3.14 -14.41
N SER A 192 2.09 3.54 -15.05
CA SER A 192 2.20 4.25 -16.32
C SER A 192 2.87 5.60 -16.17
N LEU A 193 3.09 6.07 -14.93
CA LEU A 193 3.81 7.30 -14.67
C LEU A 193 5.20 7.04 -14.10
N ARG A 194 5.66 5.79 -14.15
CA ARG A 194 6.84 5.35 -13.43
C ARG A 194 8.05 6.22 -13.73
N LYS A 195 8.26 6.54 -15.01
CA LYS A 195 9.49 7.19 -15.40
C LYS A 195 9.49 8.68 -15.14
N ARG A 196 8.48 9.20 -14.45
CA ARG A 196 8.50 10.57 -13.96
C ARG A 196 9.56 10.71 -12.86
N GLU A 197 10.16 11.90 -12.79
CA GLU A 197 11.22 12.11 -11.80
C GLU A 197 10.66 12.12 -10.39
N ASN A 198 9.45 12.64 -10.20
CA ASN A 198 8.91 12.85 -8.86
C ASN A 198 8.27 11.61 -8.26
N ILE A 199 8.16 10.51 -8.99
CA ILE A 199 7.60 9.29 -8.42
C ILE A 199 8.51 8.11 -8.77
N LEU A 200 8.58 7.15 -7.86
CA LEU A 200 9.29 5.92 -8.14
C LEU A 200 8.47 4.72 -7.66
N VAL A 201 8.54 3.66 -8.45
CA VAL A 201 7.84 2.42 -8.13
C VAL A 201 8.86 1.46 -7.54
N LEU A 202 8.39 0.59 -6.65
CA LEU A 202 9.23 -0.46 -6.12
C LEU A 202 8.33 -1.61 -5.67
N SER A 203 8.88 -2.82 -5.70
CA SER A 203 8.10 -4.02 -5.42
C SER A 203 8.43 -4.58 -4.04
N TYR A 204 7.41 -5.19 -3.43
CA TYR A 204 7.58 -5.92 -2.18
C TYR A 204 8.68 -6.97 -2.31
N GLU A 205 8.77 -7.60 -3.48
CA GLU A 205 9.82 -8.58 -3.72
C GLU A 205 11.20 -7.92 -3.68
N GLN A 206 11.34 -6.76 -4.34
CA GLN A 206 12.58 -5.99 -4.23
C GLN A 206 12.92 -5.69 -2.78
N LEU A 207 11.92 -5.25 -2.02
CA LEU A 207 12.15 -4.98 -0.62
C LEU A 207 12.57 -6.25 0.13
N LYS A 208 12.15 -7.42 -0.34
CA LYS A 208 12.39 -8.65 0.40
C LYS A 208 13.76 -9.26 0.12
N LYS A 209 14.27 -9.14 -1.11
CA LYS A 209 15.55 -9.76 -1.45
C LYS A 209 16.66 -8.75 -1.73
N ASP A 210 16.40 -7.68 -2.49
CA ASP A 210 17.39 -6.62 -2.66
C ASP A 210 17.12 -5.48 -1.70
N THR A 211 17.17 -5.82 -0.40
CA THR A 211 16.71 -4.90 0.64
C THR A 211 17.56 -3.64 0.70
N ARG A 212 18.88 -3.82 0.91
CA ARG A 212 19.76 -2.68 1.15
C ARG A 212 19.78 -1.73 -0.03
N ASN A 213 19.97 -2.26 -1.23
CA ASN A 213 19.93 -1.44 -2.45
C ASN A 213 18.63 -0.65 -2.52
N THR A 214 17.51 -1.31 -2.22
CA THR A 214 16.22 -0.65 -2.37
C THR A 214 16.05 0.49 -1.38
N ILE A 215 16.42 0.26 -0.12
CA ILE A 215 16.25 1.33 0.86
C ILE A 215 17.23 2.48 0.57
N LYS A 216 18.41 2.16 0.03
CA LYS A 216 19.33 3.25 -0.37
C LYS A 216 18.75 4.04 -1.54
N LYS A 217 18.06 3.36 -2.45
CA LYS A 217 17.44 4.07 -3.58
C LYS A 217 16.34 4.99 -3.09
N ILE A 218 15.51 4.53 -2.16
CA ILE A 218 14.46 5.42 -1.66
C ILE A 218 15.06 6.52 -0.79
N CYS A 219 16.23 6.27 -0.17
CA CYS A 219 16.95 7.35 0.50
C CYS A 219 17.37 8.43 -0.48
N GLU A 220 17.94 8.02 -1.61
CA GLU A 220 18.25 8.95 -2.70
C GLU A 220 17.01 9.74 -3.10
N PHE A 221 15.91 9.03 -3.38
CA PHE A 221 14.71 9.68 -3.92
C PHE A 221 14.14 10.71 -2.95
N LEU A 222 14.08 10.37 -1.66
CA LEU A 222 13.53 11.26 -0.66
C LEU A 222 14.48 12.36 -0.24
N GLY A 223 15.72 12.33 -0.72
CA GLY A 223 16.72 13.29 -0.30
C GLY A 223 17.25 13.10 1.10
N GLU A 224 16.77 12.08 1.82
CA GLU A 224 17.22 11.86 3.19
C GLU A 224 18.62 11.25 3.17
N ASN A 225 19.57 11.96 3.76
CA ASN A 225 20.94 11.47 3.84
C ASN A 225 21.07 10.54 5.04
N LEU A 226 21.69 9.39 4.83
CA LEU A 226 21.83 8.40 5.89
C LEU A 226 23.15 7.67 5.70
N GLU A 227 23.86 7.44 6.79
CA GLU A 227 25.22 6.92 6.77
C GLU A 227 25.30 5.56 7.46
N SER A 228 26.50 4.98 7.44
CA SER A 228 26.72 3.67 8.02
C SER A 228 26.39 3.66 9.51
N GLY A 229 26.05 2.48 10.02
CA GLY A 229 25.59 2.36 11.39
C GLY A 229 24.11 2.63 11.47
N GLU A 230 23.70 3.84 11.07
CA GLU A 230 22.28 4.15 11.01
C GLU A 230 21.58 3.28 9.98
N LEU A 231 22.27 2.99 8.87
CA LEU A 231 21.67 2.14 7.84
C LEU A 231 21.56 0.71 8.31
N GLU A 232 22.55 0.23 9.06
CA GLU A 232 22.46 -1.11 9.63
C GLU A 232 21.33 -1.19 10.65
N LEU A 233 21.10 -0.08 11.30
CA LEU A 233 20.03 0.01 12.23
C LEU A 233 18.68 -0.08 11.58
N VAL A 234 18.55 0.56 10.46
CA VAL A 234 17.29 0.51 9.80
C VAL A 234 16.96 -0.87 9.36
N LEU A 235 17.90 -1.59 8.81
CA LEU A 235 17.63 -2.91 8.32
C LEU A 235 17.21 -3.83 9.39
N LYS A 236 17.91 -3.75 10.49
CA LYS A 236 17.59 -4.58 11.57
C LYS A 236 16.23 -4.29 12.08
N ASN A 237 15.90 -3.03 12.22
CA ASN A 237 14.60 -2.72 12.68
C ASN A 237 13.47 -2.97 11.74
N ILE A 238 13.73 -3.04 10.45
CA ILE A 238 12.67 -3.37 9.55
C ILE A 238 12.48 -4.83 9.29
N SER A 239 13.29 -5.69 9.86
CA SER A 239 13.03 -7.13 9.63
C SER A 239 11.65 -7.62 10.09
N PHE A 240 11.08 -8.63 9.44
CA PHE A 240 9.71 -9.06 9.73
C PHE A 240 9.53 -9.42 11.21
N GLN A 241 10.50 -10.14 11.78
CA GLN A 241 10.33 -10.70 13.12
C GLN A 241 10.21 -9.59 14.16
N ILE A 242 11.24 -8.77 14.27
CA ILE A 242 11.25 -7.75 15.30
C ILE A 242 10.28 -6.61 15.00
N MET A 243 9.93 -6.36 13.73
CA MET A 243 8.79 -5.49 13.46
C MET A 243 7.49 -6.10 13.96
N LYS A 244 7.35 -7.42 13.86
CA LYS A 244 6.15 -8.07 14.37
C LYS A 244 6.08 -7.95 15.89
N GLU A 245 7.20 -8.18 16.57
CA GLU A 245 7.23 -7.97 18.02
C GLU A 245 6.91 -6.53 18.38
N ARG A 246 7.35 -5.60 17.57
CA ARG A 246 7.05 -4.24 17.85
C ARG A 246 5.63 -3.98 17.80
N MET A 247 5.02 -4.52 16.79
CA MET A 247 3.64 -4.17 16.49
C MET A 247 2.66 -4.81 17.45
N ILE A 248 2.97 -6.00 17.96
CA ILE A 248 2.06 -6.69 18.87
C ILE A 248 2.02 -6.03 20.24
N SER A 249 2.89 -5.06 20.50
CA SER A 249 2.90 -4.31 21.76
C SER A 249 1.51 -3.81 22.17
N LEU A 253 -5.03 -2.41 20.32
CA LEU A 253 -4.88 -1.18 19.56
C LEU A 253 -5.61 -1.32 18.21
N SER A 254 -6.54 -2.29 18.15
CA SER A 254 -7.22 -2.69 16.93
C SER A 254 -8.44 -1.84 16.62
N ASN A 255 -8.40 -0.52 16.84
CA ASN A 255 -9.62 0.26 16.74
C ASN A 255 -10.13 0.34 15.31
N ILE A 256 -9.23 0.24 14.33
CA ILE A 256 -9.57 0.51 12.94
C ILE A 256 -8.83 -0.46 12.03
N GLU A 257 -8.14 -1.43 12.64
CA GLU A 257 -7.44 -2.49 11.93
C GLU A 257 -7.46 -3.74 12.78
N LYS A 258 -7.34 -4.90 12.13
CA LYS A 258 -7.11 -6.14 12.85
C LYS A 258 -5.63 -6.17 13.19
N HIS A 259 -5.29 -5.50 14.30
CA HIS A 259 -3.90 -5.27 14.66
C HIS A 259 -3.13 -6.58 14.79
N GLU A 260 -3.78 -7.62 15.33
CA GLU A 260 -3.12 -8.89 15.55
C GLU A 260 -2.75 -9.58 14.25
N PHE A 261 -3.31 -9.16 13.12
CA PHE A 261 -3.41 -10.03 11.96
C PHE A 261 -2.78 -9.51 10.68
N ILE A 262 -2.17 -8.33 10.66
CA ILE A 262 -1.51 -7.92 9.41
C ILE A 262 -0.15 -8.61 9.26
N MET A 263 0.52 -8.92 10.36
CA MET A 263 1.77 -9.67 10.28
C MET A 263 1.41 -11.15 10.18
N ARG A 264 1.28 -11.64 8.95
CA ARG A 264 0.92 -13.05 8.76
C ARG A 264 2.16 -13.93 8.70
N LYS A 265 2.86 -13.92 7.55
CA LYS A 265 4.19 -14.53 7.49
C LYS A 265 5.16 -13.79 6.60
N GLY A 266 4.70 -12.91 5.72
CA GLY A 266 5.59 -11.99 5.03
C GLY A 266 6.72 -12.61 4.23
N ILE A 267 6.41 -13.60 3.39
CA ILE A 267 7.39 -14.08 2.42
C ILE A 267 6.91 -13.65 1.06
N THR A 268 7.66 -14.02 0.04
CA THR A 268 7.21 -13.90 -1.33
C THR A 268 6.88 -15.29 -1.87
N GLY A 269 5.82 -15.37 -2.66
CA GLY A 269 5.45 -16.60 -3.33
C GLY A 269 4.52 -17.52 -2.58
N ASP A 270 3.85 -17.03 -1.53
CA ASP A 270 2.89 -17.86 -0.82
C ASP A 270 1.71 -18.29 -1.70
N TRP A 271 1.48 -17.57 -2.81
CA TRP A 271 0.36 -17.91 -3.68
C TRP A 271 0.47 -19.32 -4.23
N LYS A 272 1.70 -19.81 -4.42
CA LYS A 272 1.87 -21.17 -4.93
C LYS A 272 1.31 -22.20 -3.96
N ASN A 273 1.15 -21.86 -2.69
CA ASN A 273 0.53 -22.74 -1.72
C ASN A 273 -0.98 -22.59 -1.68
N HIS A 274 -1.53 -21.68 -2.47
CA HIS A 274 -2.96 -21.44 -2.52
C HIS A 274 -3.56 -21.70 -3.89
N PHE A 275 -2.88 -21.27 -4.95
CA PHE A 275 -3.36 -21.44 -6.31
C PHE A 275 -3.25 -22.90 -6.73
N THR A 276 -4.37 -23.49 -7.14
CA THR A 276 -4.28 -24.70 -7.96
C THR A 276 -3.69 -24.34 -9.32
N VAL A 277 -3.22 -25.37 -10.02
CA VAL A 277 -2.67 -25.15 -11.35
C VAL A 277 -3.72 -24.51 -12.26
N ALA A 278 -4.96 -25.03 -12.20
CA ALA A 278 -6.04 -24.44 -12.97
C ALA A 278 -6.23 -22.97 -12.62
N GLN A 279 -6.23 -22.63 -11.33
CA GLN A 279 -6.38 -21.24 -10.94
C GLN A 279 -5.20 -20.41 -11.40
N ALA A 280 -4.00 -20.98 -11.38
CA ALA A 280 -2.83 -20.25 -11.86
C ALA A 280 -2.95 -19.94 -13.35
N GLU A 281 -3.42 -20.91 -14.15
CA GLU A 281 -3.60 -20.65 -15.57
C GLU A 281 -4.70 -19.61 -15.81
N ALA A 282 -5.79 -19.69 -15.05
CA ALA A 282 -6.86 -18.70 -15.19
C ALA A 282 -6.37 -17.31 -14.81
N PHE A 283 -5.56 -17.23 -13.75
CA PHE A 283 -5.01 -15.95 -13.34
C PHE A 283 -4.08 -15.38 -14.39
N ASP A 284 -3.20 -16.22 -14.95
CA ASP A 284 -2.30 -15.74 -16.00
C ASP A 284 -3.09 -15.26 -17.20
N LYS A 285 -4.15 -15.97 -17.53
CA LYS A 285 -4.96 -15.56 -18.65
C LYS A 285 -5.61 -14.20 -18.40
N ALA A 286 -6.37 -14.08 -17.30
CA ALA A 286 -7.01 -12.81 -16.96
C ALA A 286 -5.98 -11.67 -16.84
N PHE A 287 -4.79 -11.97 -16.32
CA PHE A 287 -3.73 -10.98 -16.26
C PHE A 287 -3.33 -10.51 -17.65
N GLN A 288 -3.37 -11.42 -18.62
CA GLN A 288 -2.87 -11.11 -19.96
C GLN A 288 -3.89 -10.36 -20.83
N GLU A 289 -5.18 -10.37 -20.48
CA GLU A 289 -6.06 -9.45 -21.21
C GLU A 289 -6.43 -8.21 -20.40
N LYS A 290 -6.49 -8.29 -19.07
CA LYS A 290 -6.73 -7.11 -18.26
C LYS A 290 -5.50 -6.24 -18.09
N ALA A 291 -4.30 -6.82 -18.24
CA ALA A 291 -3.06 -6.06 -18.13
C ALA A 291 -2.09 -6.54 -19.21
N ALA A 292 -2.52 -6.44 -20.47
CA ALA A 292 -1.65 -6.82 -21.58
C ALA A 292 -0.41 -5.95 -21.62
N ASP A 293 -0.55 -4.67 -21.28
CA ASP A 293 0.58 -3.74 -21.24
C ASP A 293 1.24 -3.72 -19.86
N PHE A 294 1.68 -4.91 -19.44
CA PHE A 294 2.30 -5.06 -18.13
C PHE A 294 3.47 -6.04 -18.17
N PRO A 295 4.70 -5.56 -18.03
CA PRO A 295 5.84 -6.45 -17.90
C PRO A 295 6.15 -6.76 -16.43
N GLN A 296 6.46 -8.02 -16.17
CA GLN A 296 6.72 -8.51 -14.81
C GLN A 296 8.21 -8.51 -14.47
N GLU A 297 8.90 -7.41 -14.79
CA GLU A 297 10.30 -7.31 -14.41
C GLU A 297 10.46 -7.09 -12.91
N LEU A 298 9.43 -6.56 -12.24
CA LEU A 298 9.53 -6.26 -10.82
C LEU A 298 9.49 -7.52 -9.97
N PHE A 299 8.81 -8.56 -10.44
CA PHE A 299 8.63 -9.78 -9.66
C PHE A 299 9.75 -10.77 -9.95
P1 A3P B . 1.38 -11.61 4.01
O1P A3P B . 1.56 -12.33 2.70
O2P A3P B . 2.24 -12.23 5.06
O3P A3P B . -0.07 -11.70 4.44
P2 A3P B . -0.29 -4.39 4.03
O4P A3P B . -0.54 -3.63 2.74
O5P A3P B . 0.40 -3.45 5.00
O6P A3P B . -1.58 -4.91 4.63
O5' A3P B . 0.65 -5.69 3.71
C5' A3P B . 0.44 -6.86 4.43
C4' A3P B . 1.50 -7.88 3.94
O4' A3P B . 2.94 -7.30 4.09
C3' A3P B . 1.49 -8.96 4.62
O3' A3P B . 1.83 -10.05 3.73
C2' A3P B . 2.70 -8.77 5.73
O2' A3P B . 3.03 -10.04 6.34
C1' A3P B . 3.66 -8.35 4.99
N9 A3P B . 4.80 -7.79 5.77
C8 A3P B . 4.35 -6.98 6.74
N7 A3P B . 5.40 -6.51 7.41
C5 A3P B . 6.52 -7.04 6.86
C6 A3P B . 7.85 -6.91 7.15
N6 A3P B . 8.67 -6.20 8.12
N1 A3P B . 8.77 -7.55 6.44
C2 A3P B . 8.37 -8.34 5.40
N3 A3P B . 7.06 -8.48 5.12
C4 A3P B . 6.14 -7.83 5.85
C1 CHD C . -5.68 3.25 7.96
C2 CHD C . -4.95 2.55 9.11
C3 CHD C . -3.43 2.47 8.78
O3 CHD C . -2.78 1.84 9.85
C4 CHD C . -3.20 1.67 7.48
C5 CHD C . -4.00 2.21 6.30
C6 CHD C . -3.83 1.21 5.04
C7 CHD C . -4.81 -0.05 5.08
O7 CHD C . -4.39 -0.92 6.08
C8 CHD C . -6.24 0.34 5.35
C9 CHD C . -6.34 1.23 6.71
C10 CHD C . -5.49 2.51 6.62
C11 CHD C . -7.76 1.58 7.02
C12 CHD C . -8.66 0.17 7.15
O12 CHD C . -8.15 -0.57 8.14
C13 CHD C . -8.61 -0.64 5.88
C14 CHD C . -7.14 -0.90 5.39
C15 CHD C . -7.32 -1.84 4.10
C16 CHD C . -8.50 -2.83 4.46
C17 CHD C . -9.31 -2.12 5.76
C18 CHD C . -9.23 0.25 4.78
C19 CHD C . -6.05 3.37 5.50
C20 CHD C . -10.66 -2.11 5.51
C21 CHD C . -11.52 -1.60 6.76
C22 CHD C . -11.14 -3.59 5.21
C23 CHD C . -11.14 -4.40 6.50
O25 CHD C . -13.07 -5.52 7.41
C24 CHD C . -12.22 -5.48 6.48
O26 CHD C . -12.27 -6.34 5.55
C1 CHD D . 11.23 13.08 11.99
C2 CHD D . 11.44 14.42 11.27
C3 CHD D . 12.05 15.54 12.15
O3 CHD D . 11.07 16.50 12.38
C4 CHD D . 12.61 15.06 13.51
C5 CHD D . 11.74 14.06 14.30
C6 CHD D . 11.15 14.76 15.61
C7 CHD D . 9.66 15.31 15.50
O7 CHD D . 9.66 16.47 14.76
C8 CHD D . 8.74 14.31 14.86
C9 CHD D . 9.29 13.86 13.39
C10 CHD D . 10.72 13.25 13.43
C11 CHD D . 8.33 12.92 12.72
C12 CHD D . 6.84 13.67 12.60
O12 CHD D . 6.98 14.76 11.82
C13 CHD D . 6.28 14.10 13.93
C14 CHD D . 7.31 14.88 14.81
C15 CHD D . 6.52 15.22 16.16
C16 CHD D . 5.01 15.43 15.73
C17 CHD D . 4.95 15.07 14.08
C18 CHD D . 6.07 12.83 14.76
C19 CHD D . 10.60 11.86 14.04
C20 CHD D . 3.68 14.66 13.73
C21 CHD D . 3.50 13.50 12.65
C22 CHD D . 2.96 15.93 13.09
C23 CHD D . 2.10 16.68 14.10
O25 CHD D . 3.06 18.89 14.13
C24 CHD D . 2.12 18.16 13.74
O26 CHD D . 1.20 18.65 13.04
#